data_5NQE
#
_entry.id   5NQE
#
_cell.length_a   83.430
_cell.length_b   90.360
_cell.length_c   80.070
_cell.angle_alpha   90.00
_cell.angle_beta   116.42
_cell.angle_gamma   90.00
#
_symmetry.space_group_name_H-M   'C 1 2 1'
#
loop_
_entity.id
_entity.type
_entity.pdbx_description
1 polymer 'Poly [ADP-ribose] polymerase 14'
2 non-polymer 3-[[4-[4-(4-fluorophenyl)piperazin-1-yl]-4-oxidanylidene-butanoyl]amino]benzamide
3 water water
#
_entity_poly.entity_id   1
_entity_poly.type   'polypeptide(L)'
_entity_poly.pdbx_seq_one_letter_code
;SMDMKQQNFCVVELLPSDPEYNTVASKFNQTCSHFRIEKIERIQNPDLWNSYQAKKKTMDAKNGQTMNEKQLFHGTDAGS
VPHVNRNGFNRSYAGKNAVAYGKGTYFAVNANYSANDTYSRPDANGRKHVYYVRVLTGIYTHGNHSLIVPPSKNPQNPTD
LYDTVTDNVHHPSLFVAFYDYQAYPEYLITFRK
;
_entity_poly.pdbx_strand_id   A,B
#
# COMPACT_ATOMS: atom_id res chain seq x y z
N MET A 4 25.73 -17.22 -16.74
CA MET A 4 24.27 -17.10 -16.77
C MET A 4 23.77 -16.25 -17.94
N LYS A 5 22.46 -16.37 -18.25
CA LYS A 5 21.71 -15.65 -19.30
C LYS A 5 21.51 -14.19 -18.85
N GLN A 6 22.00 -13.23 -19.66
CA GLN A 6 22.01 -11.80 -19.35
C GLN A 6 20.62 -11.12 -19.36
N GLN A 7 19.61 -11.77 -19.96
CA GLN A 7 18.22 -11.31 -20.07
C GLN A 7 18.10 -9.96 -20.81
N ASN A 8 18.75 -9.87 -21.99
CA ASN A 8 18.66 -8.71 -22.87
C ASN A 8 17.22 -8.60 -23.33
N PHE A 9 16.78 -7.38 -23.71
CA PHE A 9 15.40 -7.13 -24.12
C PHE A 9 15.32 -6.03 -25.17
N CYS A 10 14.14 -5.90 -25.80
CA CYS A 10 13.83 -4.87 -26.77
C CYS A 10 12.50 -4.30 -26.44
N VAL A 11 12.34 -3.04 -26.66
CA VAL A 11 11.04 -2.43 -26.40
C VAL A 11 10.52 -1.96 -27.76
N VAL A 12 9.43 -2.58 -28.23
CA VAL A 12 8.83 -2.30 -29.53
C VAL A 12 7.53 -1.51 -29.34
N GLU A 13 7.45 -0.29 -29.89
CA GLU A 13 6.24 0.52 -29.77
C GLU A 13 5.18 0.06 -30.75
N LEU A 14 4.01 -0.25 -30.24
CA LEU A 14 2.86 -0.70 -31.02
C LEU A 14 2.16 0.50 -31.61
N LEU A 15 1.77 0.42 -32.90
CA LEU A 15 1.03 1.52 -33.50
C LEU A 15 -0.42 1.45 -33.04
N PRO A 16 -1.12 2.58 -32.81
CA PRO A 16 -2.56 2.48 -32.44
C PRO A 16 -3.41 1.74 -33.48
N SER A 17 -2.90 1.62 -34.73
CA SER A 17 -3.52 0.92 -35.86
C SER A 17 -3.22 -0.59 -35.81
N ASP A 18 -2.26 -1.01 -34.96
CA ASP A 18 -1.84 -2.41 -34.77
C ASP A 18 -2.91 -3.16 -33.96
N PRO A 19 -3.40 -4.33 -34.45
CA PRO A 19 -4.42 -5.09 -33.71
C PRO A 19 -4.06 -5.37 -32.25
N GLU A 20 -2.76 -5.63 -31.94
CA GLU A 20 -2.24 -5.88 -30.59
C GLU A 20 -2.45 -4.69 -29.66
N TYR A 21 -2.36 -3.46 -30.19
CA TYR A 21 -2.57 -2.23 -29.44
C TYR A 21 -4.04 -2.18 -29.04
N ASN A 22 -4.95 -2.46 -29.99
CA ASN A 22 -6.39 -2.44 -29.74
C ASN A 22 -6.81 -3.46 -28.67
N THR A 23 -6.12 -4.62 -28.58
CA THR A 23 -6.46 -5.66 -27.60
C THR A 23 -6.04 -5.22 -26.19
N VAL A 24 -4.82 -4.67 -26.07
CA VAL A 24 -4.29 -4.18 -24.79
C VAL A 24 -5.15 -2.96 -24.34
N ALA A 25 -5.48 -2.07 -25.31
CA ALA A 25 -6.31 -0.89 -25.07
C ALA A 25 -7.70 -1.28 -24.65
N SER A 26 -8.26 -2.35 -25.26
CA SER A 26 -9.58 -2.89 -24.95
C SER A 26 -9.68 -3.34 -23.50
N LYS A 27 -8.67 -4.04 -22.97
CA LYS A 27 -8.69 -4.52 -21.57
C LYS A 27 -8.46 -3.34 -20.62
N PHE A 28 -7.49 -2.46 -20.95
CA PHE A 28 -7.18 -1.28 -20.16
C PHE A 28 -8.43 -0.41 -20.01
N ASN A 29 -9.09 -0.04 -21.13
CA ASN A 29 -10.29 0.81 -21.15
C ASN A 29 -11.55 0.17 -20.56
N GLN A 30 -11.49 -1.07 -20.04
CA GLN A 30 -12.64 -1.68 -19.38
C GLN A 30 -12.89 -1.02 -18.01
N THR A 31 -11.86 -0.37 -17.44
CA THR A 31 -11.89 0.33 -16.16
C THR A 31 -11.21 1.72 -16.24
N CYS A 32 -10.38 1.95 -17.28
CA CYS A 32 -9.58 3.16 -17.49
C CYS A 32 -9.86 3.92 -18.80
N SER A 33 -11.15 4.05 -19.19
CA SER A 33 -11.55 4.79 -20.38
C SER A 33 -11.33 6.31 -20.19
N HIS A 34 -11.31 6.77 -18.93
CA HIS A 34 -11.14 8.16 -18.51
C HIS A 34 -9.67 8.66 -18.57
N PHE A 35 -8.71 7.72 -18.77
CA PHE A 35 -7.27 7.98 -18.89
C PHE A 35 -6.89 8.07 -20.35
N ARG A 36 -5.98 8.98 -20.68
CA ARG A 36 -5.51 9.12 -22.04
C ARG A 36 -4.20 8.34 -22.18
N ILE A 37 -4.23 7.29 -23.03
CA ILE A 37 -3.07 6.44 -23.32
C ILE A 37 -2.12 7.24 -24.22
N GLU A 38 -0.87 7.39 -23.77
CA GLU A 38 0.16 8.09 -24.52
C GLU A 38 0.87 7.10 -25.45
N LYS A 39 1.14 5.84 -24.98
CA LYS A 39 1.77 4.77 -25.79
C LYS A 39 1.69 3.37 -25.13
N ILE A 40 1.67 2.32 -25.97
CA ILE A 40 1.68 0.89 -25.62
C ILE A 40 2.87 0.29 -26.36
N GLU A 41 3.84 -0.23 -25.58
CA GLU A 41 5.08 -0.87 -26.02
C GLU A 41 5.13 -2.34 -25.63
N ARG A 42 5.50 -3.21 -26.57
CA ARG A 42 5.68 -4.64 -26.30
C ARG A 42 7.16 -4.94 -25.96
N ILE A 43 7.42 -5.44 -24.73
CA ILE A 43 8.74 -5.84 -24.20
C ILE A 43 9.08 -7.24 -24.71
N GLN A 44 10.19 -7.36 -25.44
CA GLN A 44 10.61 -8.65 -25.99
C GLN A 44 11.89 -9.06 -25.33
N ASN A 45 11.79 -9.88 -24.27
CA ASN A 45 12.92 -10.42 -23.50
C ASN A 45 12.95 -11.96 -23.70
N PRO A 46 13.76 -12.46 -24.66
CA PRO A 46 13.73 -13.90 -24.98
C PRO A 46 14.08 -14.81 -23.83
N ASP A 47 15.07 -14.43 -23.00
CA ASP A 47 15.51 -15.21 -21.85
C ASP A 47 14.42 -15.25 -20.78
N LEU A 48 13.81 -14.11 -20.45
CA LEU A 48 12.73 -14.04 -19.47
C LEU A 48 11.46 -14.77 -19.95
N TRP A 49 11.27 -14.81 -21.28
CA TRP A 49 10.14 -15.45 -21.93
C TRP A 49 10.26 -16.97 -21.86
N ASN A 50 11.42 -17.50 -22.28
CA ASN A 50 11.75 -18.92 -22.29
C ASN A 50 11.66 -19.48 -20.89
N SER A 51 12.20 -18.75 -19.92
CA SER A 51 12.13 -19.09 -18.50
C SER A 51 10.67 -19.11 -17.99
N TYR A 52 9.86 -18.14 -18.42
CA TYR A 52 8.45 -18.09 -18.02
C TYR A 52 7.70 -19.29 -18.62
N GLN A 53 7.95 -19.57 -19.91
CA GLN A 53 7.36 -20.66 -20.69
C GLN A 53 7.84 -22.03 -20.18
N ALA A 54 9.01 -22.08 -19.52
CA ALA A 54 9.51 -23.30 -18.89
C ALA A 54 8.64 -23.61 -17.67
N LYS A 55 8.44 -22.62 -16.78
CA LYS A 55 7.60 -22.74 -15.59
C LYS A 55 6.13 -22.95 -15.98
N LYS A 56 5.71 -22.35 -17.13
CA LYS A 56 4.38 -22.49 -17.71
C LYS A 56 4.14 -23.92 -18.15
N LYS A 57 5.17 -24.58 -18.73
CA LYS A 57 5.11 -25.98 -19.16
C LYS A 57 4.91 -26.90 -17.93
N THR A 58 5.74 -26.71 -16.90
CA THR A 58 5.73 -27.47 -15.64
C THR A 58 4.39 -27.32 -14.92
N MET A 59 3.82 -26.09 -14.93
CA MET A 59 2.55 -25.80 -14.27
C MET A 59 1.40 -26.45 -14.99
N ASP A 60 1.37 -26.33 -16.35
CA ASP A 60 0.34 -26.90 -17.21
C ASP A 60 0.24 -28.43 -17.06
N ALA A 61 1.37 -29.06 -16.73
CA ALA A 61 1.49 -30.50 -16.50
C ALA A 61 1.19 -30.89 -15.06
N LYS A 62 1.13 -29.91 -14.17
CA LYS A 62 0.86 -30.13 -12.75
C LYS A 62 -0.63 -29.95 -12.46
N ASN A 63 -1.22 -28.84 -12.94
CA ASN A 63 -2.57 -28.39 -12.62
C ASN A 63 -3.66 -28.84 -13.59
N GLY A 64 -3.40 -29.89 -14.38
CA GLY A 64 -4.33 -30.49 -15.34
C GLY A 64 -5.17 -29.56 -16.18
N GLN A 65 -6.46 -29.46 -15.84
CA GLN A 65 -7.51 -28.68 -16.55
C GLN A 65 -7.45 -27.17 -16.27
N THR A 66 -6.68 -26.75 -15.25
CA THR A 66 -6.57 -25.35 -14.84
C THR A 66 -5.87 -24.47 -15.89
N MET A 67 -6.42 -23.25 -16.07
CA MET A 67 -5.87 -22.19 -16.93
C MET A 67 -4.96 -21.41 -16.01
N ASN A 68 -3.68 -21.81 -16.00
CA ASN A 68 -2.63 -21.31 -15.11
C ASN A 68 -2.32 -19.88 -15.35
N GLU A 69 -2.57 -19.41 -16.58
CA GLU A 69 -2.28 -18.07 -17.01
C GLU A 69 -3.49 -17.14 -16.99
N LYS A 70 -3.25 -15.97 -16.41
CA LYS A 70 -4.14 -14.81 -16.36
C LYS A 70 -3.35 -13.62 -16.86
N GLN A 71 -4.02 -12.60 -17.39
CA GLN A 71 -3.37 -11.37 -17.84
C GLN A 71 -3.82 -10.30 -16.87
N LEU A 72 -2.89 -9.86 -16.03
CA LEU A 72 -3.18 -8.89 -14.99
C LEU A 72 -2.27 -7.65 -15.10
N PHE A 73 -2.66 -6.56 -14.45
CA PHE A 73 -1.99 -5.27 -14.48
C PHE A 73 -1.06 -5.06 -13.29
N HIS A 74 0.00 -4.28 -13.50
CA HIS A 74 1.00 -3.89 -12.49
C HIS A 74 1.47 -2.48 -12.77
N GLY A 75 1.11 -1.58 -11.86
CA GLY A 75 1.51 -0.18 -11.85
C GLY A 75 2.83 -0.08 -11.12
N THR A 76 3.79 0.61 -11.74
CA THR A 76 5.12 0.76 -11.18
C THR A 76 5.59 2.17 -11.48
N ASP A 77 6.67 2.61 -10.82
CA ASP A 77 7.27 3.93 -11.06
C ASP A 77 8.05 3.92 -12.38
N ALA A 78 8.27 5.12 -12.98
CA ALA A 78 9.03 5.29 -14.22
C ALA A 78 10.40 4.63 -14.10
N GLY A 79 11.10 4.93 -13.01
CA GLY A 79 12.42 4.41 -12.69
C GLY A 79 12.56 2.91 -12.50
N SER A 80 11.44 2.20 -12.33
CA SER A 80 11.50 0.76 -12.15
C SER A 80 11.28 0.00 -13.48
N VAL A 81 10.96 0.71 -14.56
CA VAL A 81 10.70 0.13 -15.87
C VAL A 81 11.97 -0.55 -16.46
N PRO A 82 13.20 0.01 -16.57
CA PRO A 82 14.30 -0.78 -17.14
C PRO A 82 14.65 -2.04 -16.32
N HIS A 83 14.46 -1.99 -14.99
CA HIS A 83 14.70 -3.15 -14.11
C HIS A 83 13.66 -4.24 -14.37
N VAL A 84 12.40 -3.83 -14.56
CA VAL A 84 11.27 -4.73 -14.81
C VAL A 84 11.35 -5.28 -16.26
N ASN A 85 11.90 -4.51 -17.21
CA ASN A 85 12.04 -4.95 -18.60
C ASN A 85 13.00 -6.11 -18.72
N ARG A 86 14.15 -6.01 -18.01
CA ARG A 86 15.25 -6.98 -17.97
C ARG A 86 14.99 -8.15 -17.03
N ASN A 87 14.50 -7.89 -15.80
CA ASN A 87 14.37 -8.94 -14.78
C ASN A 87 12.99 -9.52 -14.56
N GLY A 88 11.96 -8.75 -14.90
CA GLY A 88 10.58 -9.13 -14.63
C GLY A 88 10.23 -8.62 -13.25
N PHE A 89 9.59 -9.46 -12.43
CA PHE A 89 9.18 -9.09 -11.09
C PHE A 89 9.85 -10.02 -10.04
N ASN A 90 10.90 -10.70 -10.49
CA ASN A 90 11.75 -11.58 -9.70
C ASN A 90 12.63 -10.82 -8.72
N ARG A 91 13.33 -11.56 -7.83
CA ARG A 91 14.29 -11.07 -6.82
C ARG A 91 15.28 -12.19 -6.47
N GLY A 102 7.43 -8.57 1.29
CA GLY A 102 7.97 -9.92 1.31
C GLY A 102 8.51 -10.38 -0.03
N LYS A 103 8.33 -11.68 -0.34
CA LYS A 103 8.79 -12.31 -1.59
C LYS A 103 7.81 -12.01 -2.75
N GLY A 104 6.55 -11.71 -2.40
CA GLY A 104 5.47 -11.47 -3.34
C GLY A 104 5.46 -10.20 -4.17
N THR A 105 4.87 -10.32 -5.38
CA THR A 105 4.58 -9.26 -6.36
C THR A 105 3.07 -9.19 -6.54
N TYR A 106 2.52 -7.99 -6.51
CA TYR A 106 1.09 -7.79 -6.62
C TYR A 106 0.65 -7.56 -8.05
N PHE A 107 -0.53 -8.11 -8.42
CA PHE A 107 -1.11 -7.97 -9.76
C PHE A 107 -2.59 -7.75 -9.66
N ALA A 108 -3.12 -6.74 -10.36
CA ALA A 108 -4.53 -6.39 -10.36
C ALA A 108 -5.25 -6.95 -11.56
N VAL A 109 -6.47 -7.49 -11.37
CA VAL A 109 -7.30 -8.02 -12.45
C VAL A 109 -7.76 -6.84 -13.36
N ASN A 110 -8.25 -5.74 -12.73
CA ASN A 110 -8.72 -4.49 -13.33
C ASN A 110 -7.64 -3.45 -13.35
N ALA A 111 -7.50 -2.72 -14.46
CA ALA A 111 -6.46 -1.70 -14.68
C ALA A 111 -6.58 -0.48 -13.78
N ASN A 112 -7.79 -0.06 -13.35
CA ASN A 112 -7.93 1.14 -12.49
C ASN A 112 -7.39 0.93 -11.07
N TYR A 113 -7.17 -0.34 -10.67
CA TYR A 113 -6.57 -0.71 -9.40
C TYR A 113 -5.08 -0.32 -9.45
N SER A 114 -4.40 -0.75 -10.53
CA SER A 114 -3.00 -0.49 -10.86
C SER A 114 -2.74 0.98 -11.28
N ALA A 115 -3.79 1.70 -11.75
CA ALA A 115 -3.74 3.09 -12.20
C ALA A 115 -3.70 4.08 -11.02
N ASN A 116 -3.74 3.56 -9.78
CA ASN A 116 -3.65 4.37 -8.57
C ASN A 116 -2.26 4.94 -8.50
N ASP A 117 -2.13 6.23 -8.16
CA ASP A 117 -0.84 6.91 -8.10
C ASP A 117 0.11 6.31 -7.04
N THR A 118 -0.42 5.48 -6.11
CA THR A 118 0.36 4.79 -5.08
C THR A 118 1.26 3.78 -5.76
N TYR A 119 0.68 3.05 -6.75
CA TYR A 119 1.28 1.99 -7.54
C TYR A 119 1.91 2.53 -8.84
N SER A 120 1.10 3.20 -9.72
CA SER A 120 1.61 3.83 -10.95
C SER A 120 1.89 5.31 -10.70
N ARG A 121 2.92 5.60 -9.86
CA ARG A 121 3.31 6.96 -9.51
C ARG A 121 3.55 7.80 -10.77
N PRO A 122 2.88 8.98 -10.91
CA PRO A 122 3.10 9.80 -12.10
C PRO A 122 4.50 10.40 -12.07
N ASP A 123 5.23 10.41 -13.22
CA ASP A 123 6.58 10.96 -13.33
C ASP A 123 6.53 12.51 -13.30
N ALA A 124 7.64 13.21 -13.65
CA ALA A 124 7.68 14.66 -13.66
C ALA A 124 6.69 15.25 -14.67
N ASN A 125 6.47 14.54 -15.81
CA ASN A 125 5.57 14.96 -16.89
C ASN A 125 4.14 14.40 -16.69
N GLY A 126 3.88 13.81 -15.52
CA GLY A 126 2.57 13.30 -15.17
C GLY A 126 2.22 11.98 -15.79
N ARG A 127 3.17 11.37 -16.52
CA ARG A 127 2.99 10.05 -17.13
C ARG A 127 3.03 8.97 -16.06
N LYS A 128 2.11 8.03 -16.20
CA LYS A 128 1.95 6.86 -15.32
C LYS A 128 2.20 5.63 -16.16
N HIS A 129 2.81 4.62 -15.54
CA HIS A 129 3.18 3.37 -16.19
C HIS A 129 2.51 2.16 -15.50
N VAL A 130 1.89 1.29 -16.32
CA VAL A 130 1.19 0.06 -15.95
C VAL A 130 1.52 -0.99 -16.99
N TYR A 131 2.10 -2.14 -16.57
CA TYR A 131 2.40 -3.31 -17.39
C TYR A 131 1.18 -4.22 -17.46
N TYR A 132 0.90 -4.79 -18.64
CA TYR A 132 -0.18 -5.76 -18.85
C TYR A 132 0.56 -7.07 -18.97
N VAL A 133 0.75 -7.67 -17.79
CA VAL A 133 1.53 -8.84 -17.43
C VAL A 133 0.77 -10.13 -17.66
N ARG A 134 1.50 -11.17 -18.12
CA ARG A 134 1.08 -12.55 -18.26
C ARG A 134 1.52 -13.23 -16.95
N VAL A 135 0.59 -13.53 -16.05
CA VAL A 135 1.03 -14.11 -14.79
C VAL A 135 0.54 -15.55 -14.70
N LEU A 136 1.30 -16.39 -14.00
CA LEU A 136 1.03 -17.79 -13.74
C LEU A 136 0.35 -17.92 -12.38
N THR A 137 -1.00 -17.61 -12.38
CA THR A 137 -1.84 -17.68 -11.17
C THR A 137 -2.08 -19.14 -10.72
N GLY A 138 -2.05 -20.08 -11.66
CA GLY A 138 -2.26 -21.50 -11.43
C GLY A 138 -3.43 -21.83 -10.54
N ILE A 139 -3.11 -22.50 -9.41
CA ILE A 139 -3.99 -22.92 -8.33
C ILE A 139 -3.74 -21.99 -7.14
N TYR A 140 -4.79 -21.24 -6.76
CA TYR A 140 -4.76 -20.22 -5.71
C TYR A 140 -5.84 -20.38 -4.65
N THR A 141 -5.61 -19.77 -3.49
CA THR A 141 -6.48 -19.70 -2.33
C THR A 141 -6.54 -18.25 -1.82
N HIS A 142 -7.38 -18.00 -0.80
CA HIS A 142 -7.55 -16.70 -0.16
C HIS A 142 -6.33 -16.42 0.72
N GLY A 143 -5.86 -15.19 0.66
CA GLY A 143 -4.75 -14.71 1.45
C GLY A 143 -5.05 -13.37 2.12
N ASN A 144 -4.53 -13.17 3.35
CA ASN A 144 -4.68 -11.90 4.09
C ASN A 144 -3.48 -11.00 3.74
N HIS A 145 -3.43 -9.77 4.28
CA HIS A 145 -2.33 -8.84 4.02
C HIS A 145 -1.03 -9.20 4.79
N SER A 146 -1.13 -10.08 5.83
CA SER A 146 -0.05 -10.48 6.73
C SER A 146 0.98 -11.49 6.16
N LEU A 147 0.54 -12.50 5.35
CA LEU A 147 1.43 -13.56 4.83
C LEU A 147 2.45 -13.04 3.83
N ILE A 148 3.67 -13.64 3.88
CA ILE A 148 4.85 -13.31 3.05
C ILE A 148 5.25 -14.50 2.14
N VAL A 149 4.88 -15.74 2.50
CA VAL A 149 5.12 -16.97 1.74
C VAL A 149 3.76 -17.55 1.29
N PRO A 150 3.67 -18.34 0.18
CA PRO A 150 2.36 -18.94 -0.17
C PRO A 150 1.96 -20.04 0.82
N PRO A 151 0.65 -20.27 1.09
CA PRO A 151 0.29 -21.33 2.05
C PRO A 151 0.44 -22.72 1.44
N SER A 152 0.45 -23.74 2.30
CA SER A 152 0.57 -25.13 1.89
C SER A 152 -0.80 -25.68 1.52
N LYS A 153 -0.90 -26.36 0.36
CA LYS A 153 -2.15 -26.99 -0.10
C LYS A 153 -2.48 -28.14 0.85
N ASN A 154 -1.50 -29.02 1.08
CA ASN A 154 -1.62 -30.16 1.99
C ASN A 154 -0.79 -29.90 3.26
N PRO A 155 -1.35 -29.99 4.50
CA PRO A 155 -0.51 -29.77 5.70
C PRO A 155 0.44 -30.95 5.97
N GLN A 156 0.06 -32.16 5.51
CA GLN A 156 0.81 -33.42 5.66
C GLN A 156 1.93 -33.56 4.60
N ASN A 157 2.03 -32.56 3.70
CA ASN A 157 3.03 -32.38 2.66
C ASN A 157 3.18 -30.84 2.47
N PRO A 158 3.79 -30.12 3.45
CA PRO A 158 3.86 -28.65 3.35
C PRO A 158 4.84 -28.11 2.31
N THR A 159 5.46 -29.01 1.51
CA THR A 159 6.38 -28.64 0.43
C THR A 159 5.53 -28.15 -0.76
N ASP A 160 4.40 -28.83 -1.05
CA ASP A 160 3.47 -28.46 -2.12
C ASP A 160 2.71 -27.21 -1.70
N LEU A 161 3.13 -26.08 -2.26
CA LEU A 161 2.52 -24.80 -1.93
C LEU A 161 1.70 -24.30 -3.08
N TYR A 162 0.80 -23.36 -2.78
CA TYR A 162 -0.07 -22.72 -3.76
C TYR A 162 0.78 -21.87 -4.71
N ASP A 163 0.31 -21.68 -5.95
CA ASP A 163 1.02 -20.89 -6.97
C ASP A 163 0.88 -19.38 -6.67
N THR A 164 -0.35 -18.90 -6.43
CA THR A 164 -0.63 -17.52 -6.02
C THR A 164 -1.63 -17.52 -4.87
N VAL A 165 -1.93 -16.30 -4.36
CA VAL A 165 -2.98 -16.03 -3.37
C VAL A 165 -3.75 -14.85 -3.90
N THR A 166 -5.08 -14.91 -3.77
CA THR A 166 -5.97 -13.86 -4.25
C THR A 166 -6.79 -13.24 -3.06
N ASP A 167 -7.49 -12.14 -3.32
CA ASP A 167 -8.32 -11.49 -2.30
C ASP A 167 -9.64 -12.29 -2.10
N ASN A 168 -10.20 -12.81 -3.20
CA ASN A 168 -11.43 -13.58 -3.23
C ASN A 168 -11.26 -14.66 -4.24
N VAL A 169 -11.30 -15.92 -3.81
CA VAL A 169 -11.13 -17.10 -4.67
C VAL A 169 -12.25 -17.15 -5.75
N HIS A 170 -13.51 -16.80 -5.39
CA HIS A 170 -14.65 -16.80 -6.31
C HIS A 170 -14.56 -15.64 -7.28
N HIS A 171 -14.27 -14.41 -6.76
CA HIS A 171 -14.18 -13.19 -7.58
C HIS A 171 -12.83 -12.50 -7.35
N PRO A 172 -11.76 -12.99 -8.03
CA PRO A 172 -10.43 -12.40 -7.85
C PRO A 172 -10.37 -10.99 -8.37
N SER A 173 -9.68 -10.14 -7.64
CA SER A 173 -9.51 -8.73 -8.00
C SER A 173 -8.01 -8.40 -7.99
N LEU A 174 -7.26 -9.04 -7.05
CA LEU A 174 -5.82 -8.91 -6.94
C LEU A 174 -5.19 -10.27 -6.63
N PHE A 175 -3.97 -10.50 -7.15
CA PHE A 175 -3.17 -11.72 -6.99
C PHE A 175 -1.80 -11.43 -6.45
N VAL A 176 -1.22 -12.40 -5.73
CA VAL A 176 0.13 -12.29 -5.22
C VAL A 176 0.97 -13.45 -5.77
N ALA A 177 1.92 -13.17 -6.70
CA ALA A 177 2.89 -14.11 -7.28
C ALA A 177 4.13 -14.15 -6.39
N PHE A 178 4.62 -15.36 -6.05
CA PHE A 178 5.77 -15.53 -5.14
C PHE A 178 6.98 -16.15 -5.79
N TYR A 179 6.80 -16.76 -6.97
CA TYR A 179 7.82 -17.54 -7.62
C TYR A 179 8.54 -16.84 -8.73
N ASP A 180 9.75 -17.35 -9.02
CA ASP A 180 10.59 -16.85 -10.11
C ASP A 180 10.00 -17.27 -11.44
N TYR A 181 9.99 -16.34 -12.39
CA TYR A 181 9.51 -16.50 -13.77
C TYR A 181 8.00 -16.84 -13.84
N GLN A 182 7.27 -16.34 -12.83
CA GLN A 182 5.82 -16.51 -12.70
C GLN A 182 5.09 -15.47 -13.53
N ALA A 183 5.78 -14.40 -13.88
CA ALA A 183 5.17 -13.28 -14.58
C ALA A 183 6.04 -12.82 -15.72
N TYR A 184 5.40 -12.43 -16.83
CA TYR A 184 6.15 -11.88 -17.95
C TYR A 184 5.61 -10.49 -18.24
N PRO A 185 6.45 -9.42 -18.10
CA PRO A 185 5.99 -8.05 -18.38
C PRO A 185 5.83 -7.83 -19.89
N GLU A 186 4.77 -8.37 -20.47
CA GLU A 186 4.65 -8.30 -21.92
C GLU A 186 4.39 -6.90 -22.49
N TYR A 187 3.55 -6.09 -21.84
CA TYR A 187 3.15 -4.78 -22.35
C TYR A 187 3.39 -3.68 -21.36
N LEU A 188 3.88 -2.53 -21.84
CA LEU A 188 4.02 -1.34 -21.02
C LEU A 188 3.04 -0.31 -21.51
N ILE A 189 2.10 0.08 -20.65
CA ILE A 189 1.12 1.11 -20.99
C ILE A 189 1.60 2.39 -20.33
N THR A 190 1.86 3.44 -21.13
CA THR A 190 2.20 4.77 -20.67
C THR A 190 0.92 5.61 -20.87
N PHE A 191 0.46 6.29 -19.81
CA PHE A 191 -0.77 7.06 -19.87
C PHE A 191 -0.74 8.25 -18.91
N ARG A 192 -1.68 9.19 -19.07
CA ARG A 192 -1.80 10.38 -18.23
C ARG A 192 -3.25 10.61 -17.85
N LYS A 193 -3.51 11.52 -16.88
CA LYS A 193 -4.86 11.88 -16.41
C LYS A 193 -5.50 12.90 -17.36
N MET B 4 -11.78 31.91 9.12
CA MET B 4 -11.40 30.62 9.70
C MET B 4 -10.02 30.69 10.37
N LYS B 5 -9.76 29.70 11.27
CA LYS B 5 -8.52 29.52 12.04
C LYS B 5 -7.42 28.98 11.10
N GLN B 6 -6.30 29.71 10.99
CA GLN B 6 -5.20 29.44 10.05
C GLN B 6 -4.38 28.18 10.38
N GLN B 7 -4.48 27.66 11.61
CA GLN B 7 -3.79 26.46 12.11
C GLN B 7 -2.25 26.59 12.06
N ASN B 8 -1.73 27.73 12.57
CA ASN B 8 -0.30 27.97 12.70
C ASN B 8 0.26 26.94 13.67
N PHE B 9 1.57 26.62 13.55
CA PHE B 9 2.22 25.59 14.38
C PHE B 9 3.67 25.94 14.66
N CYS B 10 4.28 25.21 15.61
CA CYS B 10 5.69 25.32 15.97
C CYS B 10 6.26 23.94 16.04
N VAL B 11 7.48 23.80 15.67
CA VAL B 11 8.11 22.49 15.76
C VAL B 11 9.24 22.65 16.79
N VAL B 12 9.11 21.96 17.93
CA VAL B 12 10.05 22.04 19.03
C VAL B 12 10.89 20.76 19.08
N GLU B 13 12.22 20.87 18.93
CA GLU B 13 13.09 19.69 18.98
C GLU B 13 13.33 19.30 20.42
N LEU B 14 12.97 18.03 20.75
CA LEU B 14 13.15 17.44 22.08
C LEU B 14 14.59 17.10 22.28
N LEU B 15 15.10 17.35 23.48
CA LEU B 15 16.47 16.94 23.79
C LEU B 15 16.47 15.46 24.15
N PRO B 16 17.49 14.66 23.80
CA PRO B 16 17.49 13.26 24.24
C PRO B 16 17.41 13.10 25.77
N SER B 17 17.78 14.16 26.52
CA SER B 17 17.72 14.25 27.99
C SER B 17 16.31 14.59 28.49
N ASP B 18 15.41 15.05 27.58
CA ASP B 18 13.99 15.40 27.82
C ASP B 18 13.20 14.10 28.11
N PRO B 19 12.47 13.97 29.26
CA PRO B 19 11.71 12.73 29.54
C PRO B 19 10.78 12.30 28.39
N GLU B 20 10.17 13.28 27.69
CA GLU B 20 9.28 13.12 26.54
C GLU B 20 9.95 12.40 25.39
N TYR B 21 11.26 12.63 25.17
CA TYR B 21 12.05 12.00 24.12
C TYR B 21 12.16 10.51 24.45
N ASN B 22 12.51 10.17 25.71
CA ASN B 22 12.62 8.78 26.12
C ASN B 22 11.30 8.01 25.93
N THR B 23 10.15 8.64 26.24
CA THR B 23 8.85 7.96 26.13
C THR B 23 8.54 7.63 24.68
N VAL B 24 8.76 8.58 23.77
CA VAL B 24 8.51 8.40 22.33
C VAL B 24 9.50 7.35 21.80
N ALA B 25 10.79 7.44 22.24
CA ALA B 25 11.86 6.51 21.86
C ALA B 25 11.54 5.13 22.36
N SER B 26 11.00 5.01 23.58
CA SER B 26 10.61 3.76 24.21
C SER B 26 9.56 2.99 23.40
N LYS B 27 8.52 3.69 22.89
CA LYS B 27 7.47 3.06 22.08
C LYS B 27 8.00 2.71 20.68
N PHE B 28 8.75 3.64 20.06
CA PHE B 28 9.35 3.43 18.76
C PHE B 28 10.26 2.20 18.78
N ASN B 29 11.19 2.12 19.74
CA ASN B 29 12.15 0.99 19.86
C ASN B 29 11.53 -0.34 20.29
N GLN B 30 10.20 -0.42 20.47
CA GLN B 30 9.55 -1.69 20.81
C GLN B 30 9.52 -2.63 19.58
N THR B 31 9.66 -2.03 18.37
CA THR B 31 9.66 -2.73 17.08
C THR B 31 10.78 -2.20 16.14
N CYS B 32 11.35 -1.01 16.45
CA CYS B 32 12.36 -0.30 15.64
C CYS B 32 13.67 0.01 16.39
N SER B 33 14.17 -0.95 17.16
CA SER B 33 15.44 -0.80 17.87
C SER B 33 16.63 -0.81 16.88
N HIS B 34 16.44 -1.42 15.69
CA HIS B 34 17.43 -1.58 14.62
C HIS B 34 17.63 -0.30 13.77
N PHE B 35 16.74 0.71 13.93
CA PHE B 35 16.85 2.01 13.25
C PHE B 35 17.61 2.98 14.13
N ARG B 36 18.22 4.01 13.53
CA ARG B 36 18.97 5.02 14.25
C ARG B 36 18.15 6.31 14.30
N ILE B 37 17.65 6.73 15.50
CA ILE B 37 16.86 7.95 15.66
C ILE B 37 17.78 9.17 15.44
N GLU B 38 17.43 10.01 14.44
CA GLU B 38 18.15 11.24 14.09
C GLU B 38 17.74 12.33 15.10
N LYS B 39 16.40 12.59 15.22
CA LYS B 39 15.82 13.56 16.15
C LYS B 39 14.34 13.25 16.43
N ILE B 40 13.80 13.78 17.54
CA ILE B 40 12.37 13.69 17.90
C ILE B 40 11.91 15.12 18.14
N GLU B 41 10.94 15.63 17.34
CA GLU B 41 10.35 16.97 17.41
C GLU B 41 8.89 16.93 17.83
N ARG B 42 8.50 17.78 18.78
CA ARG B 42 7.10 17.93 19.20
C ARG B 42 6.42 19.08 18.44
N ILE B 43 5.38 18.76 17.64
CA ILE B 43 4.54 19.68 16.85
C ILE B 43 3.51 20.35 17.76
N GLN B 44 3.56 21.69 17.84
CA GLN B 44 2.61 22.43 18.68
C GLN B 44 1.72 23.26 17.80
N ASN B 45 0.56 22.70 17.44
CA ASN B 45 -0.46 23.36 16.62
C ASN B 45 -1.69 23.62 17.54
N PRO B 46 -1.85 24.85 18.10
CA PRO B 46 -2.93 25.09 19.08
C PRO B 46 -4.33 24.94 18.50
N ASP B 47 -4.55 25.45 17.29
CA ASP B 47 -5.83 25.37 16.61
C ASP B 47 -6.20 23.92 16.39
N LEU B 48 -5.29 23.12 15.81
CA LEU B 48 -5.51 21.69 15.55
C LEU B 48 -5.73 20.89 16.84
N TRP B 49 -5.03 21.26 17.92
CA TRP B 49 -5.08 20.64 19.24
C TRP B 49 -6.45 20.84 19.88
N ASN B 50 -6.92 22.11 19.92
CA ASN B 50 -8.20 22.52 20.48
C ASN B 50 -9.33 21.81 19.78
N SER B 51 -9.26 21.75 18.45
CA SER B 51 -10.20 21.05 17.60
C SER B 51 -10.19 19.52 17.91
N TYR B 52 -9.01 18.93 18.10
CA TYR B 52 -8.91 17.51 18.43
C TYR B 52 -9.53 17.24 19.81
N GLN B 53 -9.20 18.11 20.79
CA GLN B 53 -9.64 18.05 22.18
C GLN B 53 -11.14 18.32 22.28
N ALA B 54 -11.72 19.03 21.29
CA ALA B 54 -13.16 19.25 21.20
C ALA B 54 -13.85 17.93 20.84
N LYS B 55 -13.38 17.23 19.77
CA LYS B 55 -13.94 15.94 19.38
C LYS B 55 -13.71 14.90 20.49
N LYS B 56 -12.52 14.97 21.13
CA LYS B 56 -12.14 14.10 22.25
C LYS B 56 -13.13 14.23 23.39
N LYS B 57 -13.57 15.47 23.69
CA LYS B 57 -14.55 15.73 24.74
C LYS B 57 -15.90 15.05 24.40
N THR B 58 -16.38 15.27 23.15
CA THR B 58 -17.63 14.71 22.61
C THR B 58 -17.60 13.18 22.61
N MET B 59 -16.44 12.59 22.26
CA MET B 59 -16.27 11.14 22.20
C MET B 59 -16.28 10.52 23.58
N ASP B 60 -15.53 11.14 24.54
CA ASP B 60 -15.41 10.70 25.92
C ASP B 60 -16.78 10.65 26.61
N ALA B 61 -17.69 11.54 26.18
CA ALA B 61 -19.06 11.66 26.68
C ALA B 61 -20.02 10.73 25.96
N LYS B 62 -19.60 10.18 24.83
CA LYS B 62 -20.41 9.28 24.02
C LYS B 62 -20.13 7.81 24.37
N ASN B 63 -18.84 7.43 24.43
CA ASN B 63 -18.37 6.07 24.57
C ASN B 63 -18.10 5.60 26.02
N GLY B 64 -18.67 6.30 27.00
CA GLY B 64 -18.58 5.96 28.42
C GLY B 64 -17.22 5.54 28.96
N GLN B 65 -17.07 4.24 29.23
CA GLN B 65 -15.87 3.61 29.82
C GLN B 65 -14.71 3.41 28.84
N THR B 66 -14.97 3.59 27.53
CA THR B 66 -13.99 3.38 26.46
C THR B 66 -12.86 4.41 26.49
N MET B 67 -11.62 3.91 26.25
CA MET B 67 -10.40 4.70 26.12
C MET B 67 -10.33 5.03 24.63
N ASN B 68 -10.91 6.17 24.27
CA ASN B 68 -11.08 6.64 22.89
C ASN B 68 -9.79 6.92 22.22
N GLU B 69 -8.77 7.24 23.01
CA GLU B 69 -7.45 7.61 22.53
C GLU B 69 -6.44 6.46 22.59
N LYS B 70 -5.76 6.30 21.47
CA LYS B 70 -4.64 5.40 21.25
C LYS B 70 -3.51 6.25 20.67
N GLN B 71 -2.25 5.82 20.85
CA GLN B 71 -1.10 6.51 20.28
C GLN B 71 -0.56 5.56 19.24
N LEU B 72 -0.73 5.96 17.97
CA LEU B 72 -0.34 5.13 16.85
C LEU B 72 0.63 5.89 15.92
N PHE B 73 1.34 5.14 15.07
CA PHE B 73 2.34 5.65 14.15
C PHE B 73 1.81 5.87 12.75
N HIS B 74 2.41 6.84 12.05
CA HIS B 74 2.10 7.19 10.66
C HIS B 74 3.37 7.64 9.96
N GLY B 75 3.79 6.83 9.00
CA GLY B 75 4.93 7.07 8.14
C GLY B 75 4.46 7.88 6.95
N THR B 76 5.18 8.94 6.65
CA THR B 76 4.84 9.83 5.56
C THR B 76 6.13 10.28 4.90
N ASP B 77 6.02 10.87 3.70
CA ASP B 77 7.18 11.39 2.97
C ASP B 77 7.67 12.70 3.61
N ALA B 78 8.95 13.08 3.37
CA ALA B 78 9.53 14.33 3.88
C ALA B 78 8.67 15.51 3.47
N GLY B 79 8.31 15.57 2.19
CA GLY B 79 7.48 16.61 1.61
C GLY B 79 6.07 16.78 2.14
N SER B 80 5.56 15.79 2.87
CA SER B 80 4.22 15.86 3.41
C SER B 80 4.21 16.36 4.86
N VAL B 81 5.39 16.54 5.48
CA VAL B 81 5.54 16.98 6.85
C VAL B 81 4.98 18.42 7.06
N PRO B 82 5.30 19.50 6.30
CA PRO B 82 4.67 20.80 6.60
C PRO B 82 3.14 20.78 6.46
N HIS B 83 2.60 19.98 5.53
CA HIS B 83 1.15 19.84 5.33
C HIS B 83 0.50 19.13 6.54
N VAL B 84 1.17 18.08 7.06
CA VAL B 84 0.75 17.28 8.21
C VAL B 84 0.84 18.12 9.50
N ASN B 85 1.91 18.93 9.65
CA ASN B 85 2.10 19.82 10.81
C ASN B 85 0.95 20.80 10.99
N ARG B 86 0.56 21.46 9.87
CA ARG B 86 -0.49 22.48 9.80
C ARG B 86 -1.90 21.90 9.80
N ASN B 87 -2.17 20.86 8.97
CA ASN B 87 -3.53 20.35 8.79
C ASN B 87 -3.89 19.08 9.55
N GLY B 88 -2.89 18.29 9.89
CA GLY B 88 -3.09 17.00 10.53
C GLY B 88 -3.24 15.98 9.42
N PHE B 89 -4.24 15.10 9.52
CA PHE B 89 -4.48 14.09 8.51
C PHE B 89 -5.90 14.23 7.90
N ASN B 90 -6.52 15.39 8.17
CA ASN B 90 -7.85 15.72 7.70
C ASN B 90 -7.79 16.13 6.25
N ARG B 91 -8.38 15.30 5.37
CA ARG B 91 -8.51 15.52 3.92
C ARG B 91 -9.69 14.72 3.38
N GLY B 102 -9.53 6.85 -0.19
CA GLY B 102 -10.83 7.37 0.24
C GLY B 102 -10.72 8.50 1.25
N LYS B 103 -11.69 8.55 2.21
CA LYS B 103 -11.74 9.56 3.27
C LYS B 103 -10.76 9.23 4.41
N GLY B 104 -10.44 7.93 4.55
CA GLY B 104 -9.60 7.39 5.62
C GLY B 104 -8.11 7.67 5.60
N THR B 105 -7.53 7.72 6.83
CA THR B 105 -6.10 7.85 7.14
C THR B 105 -5.68 6.61 7.92
N TYR B 106 -4.56 6.01 7.55
CA TYR B 106 -4.09 4.79 8.17
C TYR B 106 -3.13 5.08 9.33
N PHE B 107 -3.22 4.26 10.39
CA PHE B 107 -2.37 4.38 11.57
C PHE B 107 -1.96 3.02 12.05
N ALA B 108 -0.65 2.82 12.32
CA ALA B 108 -0.12 1.55 12.76
C ALA B 108 0.08 1.53 14.27
N VAL B 109 -0.26 0.42 14.94
CA VAL B 109 -0.06 0.24 16.38
C VAL B 109 1.47 0.17 16.68
N ASN B 110 2.20 -0.64 15.87
CA ASN B 110 3.65 -0.89 15.92
C ASN B 110 4.36 -0.01 14.94
N ALA B 111 5.50 0.57 15.35
CA ALA B 111 6.31 1.51 14.55
C ALA B 111 6.96 0.89 13.33
N ASN B 112 7.32 -0.42 13.33
CA ASN B 112 7.99 -1.04 12.17
C ASN B 112 7.04 -1.20 10.96
N TYR B 113 5.72 -1.11 11.20
CA TYR B 113 4.70 -1.14 10.14
C TYR B 113 4.81 0.16 9.32
N SER B 114 4.84 1.29 10.05
CA SER B 114 4.97 2.67 9.55
C SER B 114 6.39 2.97 9.03
N ALA B 115 7.42 2.20 9.50
CA ALA B 115 8.84 2.34 9.14
C ALA B 115 9.14 1.75 7.75
N ASN B 116 8.12 1.17 7.09
CA ASN B 116 8.24 0.63 5.75
C ASN B 116 8.47 1.76 4.81
N ASP B 117 9.41 1.62 3.87
CA ASP B 117 9.77 2.68 2.91
C ASP B 117 8.59 3.07 1.99
N THR B 118 7.53 2.23 1.94
CA THR B 118 6.31 2.49 1.15
C THR B 118 5.60 3.67 1.76
N TYR B 119 5.53 3.68 3.10
CA TYR B 119 4.87 4.65 3.95
C TYR B 119 5.85 5.78 4.39
N SER B 120 6.96 5.43 5.07
CA SER B 120 8.00 6.41 5.47
C SER B 120 9.12 6.42 4.44
N ARG B 121 8.82 6.91 3.22
CA ARG B 121 9.78 6.97 2.12
C ARG B 121 11.05 7.71 2.54
N PRO B 122 12.25 7.10 2.38
CA PRO B 122 13.48 7.79 2.76
C PRO B 122 13.76 8.96 1.82
N ASP B 123 14.17 10.13 2.34
CA ASP B 123 14.48 11.32 1.55
C ASP B 123 15.83 11.13 0.80
N ALA B 124 16.39 12.21 0.21
CA ALA B 124 17.67 12.15 -0.51
C ALA B 124 18.81 11.71 0.40
N ASN B 125 18.76 12.11 1.70
CA ASN B 125 19.79 11.79 2.71
C ASN B 125 19.45 10.49 3.48
N GLY B 126 18.44 9.76 3.01
CA GLY B 126 18.05 8.48 3.58
C GLY B 126 17.25 8.57 4.85
N ARG B 127 16.90 9.80 5.27
CA ARG B 127 16.08 10.05 6.45
C ARG B 127 14.64 9.65 6.17
N LYS B 128 14.02 8.98 7.13
CA LYS B 128 12.63 8.52 7.11
C LYS B 128 11.91 9.24 8.23
N HIS B 129 10.63 9.55 7.99
CA HIS B 129 9.78 10.29 8.90
C HIS B 129 8.51 9.48 9.27
N VAL B 130 8.24 9.38 10.59
CA VAL B 130 7.12 8.69 11.22
C VAL B 130 6.64 9.56 12.38
N TYR B 131 5.35 9.94 12.36
CA TYR B 131 4.66 10.69 13.40
C TYR B 131 4.12 9.73 14.46
N TYR B 132 4.21 10.10 15.73
CA TYR B 132 3.66 9.33 16.85
C TYR B 132 2.46 10.14 17.27
N VAL B 133 1.36 9.79 16.60
CA VAL B 133 0.05 10.43 16.57
C VAL B 133 -0.86 9.97 17.70
N ARG B 134 -1.65 10.92 18.25
CA ARG B 134 -2.70 10.73 19.23
C ARG B 134 -3.98 10.53 18.39
N VAL B 135 -4.43 9.30 18.25
CA VAL B 135 -5.60 9.09 17.40
C VAL B 135 -6.80 8.72 18.26
N LEU B 136 -7.99 9.17 17.83
CA LEU B 136 -9.25 8.92 18.48
C LEU B 136 -9.89 7.69 17.83
N THR B 137 -9.42 6.49 18.29
CA THR B 137 -9.88 5.17 17.84
C THR B 137 -11.34 4.87 18.31
N GLY B 138 -11.75 5.44 19.44
CA GLY B 138 -13.06 5.25 20.07
C GLY B 138 -13.55 3.82 20.11
N ILE B 139 -14.71 3.63 19.46
CA ILE B 139 -15.43 2.37 19.27
C ILE B 139 -15.24 1.95 17.80
N TYR B 140 -14.58 0.79 17.61
CA TYR B 140 -14.22 0.24 16.31
C TYR B 140 -14.67 -1.20 16.09
N THR B 141 -14.74 -1.58 14.81
CA THR B 141 -15.07 -2.91 14.30
C THR B 141 -14.06 -3.31 13.23
N HIS B 142 -14.17 -4.55 12.73
CA HIS B 142 -13.32 -5.09 11.67
C HIS B 142 -13.71 -4.45 10.34
N GLY B 143 -12.75 -3.94 9.60
CA GLY B 143 -13.03 -3.32 8.32
C GLY B 143 -12.20 -3.93 7.22
N ASN B 144 -12.85 -4.23 6.11
CA ASN B 144 -12.21 -4.89 4.97
C ASN B 144 -11.37 -3.94 4.14
N HIS B 145 -10.54 -4.49 3.24
CA HIS B 145 -9.80 -3.62 2.34
C HIS B 145 -10.42 -2.77 1.24
N SER B 146 -11.74 -2.58 1.32
CA SER B 146 -12.37 -1.61 0.45
C SER B 146 -13.43 -0.64 0.93
N LEU B 147 -13.58 -0.48 2.25
CA LEU B 147 -14.60 0.42 2.77
C LEU B 147 -14.21 1.86 2.57
N ILE B 148 -15.10 2.61 1.96
CA ILE B 148 -14.85 4.00 1.75
C ILE B 148 -15.11 4.77 3.05
N VAL B 149 -16.24 4.53 3.68
CA VAL B 149 -16.67 5.25 4.87
C VAL B 149 -16.70 4.26 6.00
N PRO B 150 -16.91 4.73 7.23
CA PRO B 150 -17.01 3.78 8.35
C PRO B 150 -18.35 3.03 8.33
N PRO B 151 -18.43 1.77 8.82
CA PRO B 151 -19.73 1.07 8.80
C PRO B 151 -20.68 1.59 9.88
N SER B 152 -21.98 1.31 9.75
CA SER B 152 -22.99 1.77 10.72
C SER B 152 -23.01 0.83 11.93
N LYS B 153 -23.13 1.41 13.15
CA LYS B 153 -23.18 0.66 14.41
C LYS B 153 -24.46 -0.17 14.48
N ASN B 154 -25.63 0.45 14.25
CA ASN B 154 -26.90 -0.27 14.21
C ASN B 154 -27.63 0.03 12.87
N PRO B 155 -28.32 -0.95 12.25
CA PRO B 155 -28.97 -0.69 10.95
C PRO B 155 -30.23 0.19 11.06
N GLN B 156 -30.88 0.18 12.24
CA GLN B 156 -32.08 0.98 12.57
C GLN B 156 -31.76 2.48 12.51
N ASN B 157 -30.55 2.85 12.97
CA ASN B 157 -30.00 4.22 12.98
C ASN B 157 -28.68 4.21 12.14
N PRO B 158 -28.74 4.21 10.78
CA PRO B 158 -27.49 4.12 10.00
C PRO B 158 -26.68 5.43 9.90
N THR B 159 -27.15 6.52 10.54
CA THR B 159 -26.44 7.82 10.58
C THR B 159 -25.29 7.67 11.60
N ASP B 160 -25.53 6.89 12.68
CA ASP B 160 -24.55 6.57 13.72
C ASP B 160 -23.60 5.53 13.18
N LEU B 161 -22.30 5.87 13.14
CA LEU B 161 -21.28 4.99 12.60
C LEU B 161 -20.18 4.72 13.62
N TYR B 162 -19.23 3.85 13.24
CA TYR B 162 -18.05 3.51 14.04
C TYR B 162 -17.01 4.64 13.89
N ASP B 163 -16.25 4.92 14.97
CA ASP B 163 -15.22 5.96 15.00
C ASP B 163 -14.03 5.59 14.09
N THR B 164 -13.50 4.35 14.23
CA THR B 164 -12.47 3.80 13.36
C THR B 164 -12.83 2.37 12.95
N VAL B 165 -11.98 1.77 12.09
CA VAL B 165 -12.02 0.37 11.69
C VAL B 165 -10.62 -0.16 11.84
N THR B 166 -10.49 -1.39 12.38
CA THR B 166 -9.20 -2.02 12.61
C THR B 166 -9.10 -3.34 11.80
N ASP B 167 -7.88 -3.92 11.75
CA ASP B 167 -7.65 -5.18 11.05
C ASP B 167 -8.21 -6.37 11.87
N ASN B 168 -8.04 -6.31 13.20
CA ASN B 168 -8.48 -7.31 14.16
C ASN B 168 -8.97 -6.58 15.37
N VAL B 169 -10.25 -6.73 15.69
CA VAL B 169 -10.91 -6.08 16.84
C VAL B 169 -10.26 -6.53 18.18
N HIS B 170 -9.90 -7.83 18.30
CA HIS B 170 -9.26 -8.38 19.50
C HIS B 170 -7.81 -7.95 19.60
N HIS B 171 -7.05 -8.05 18.48
CA HIS B 171 -5.62 -7.68 18.45
C HIS B 171 -5.36 -6.66 17.31
N PRO B 172 -5.65 -5.36 17.59
CA PRO B 172 -5.46 -4.32 16.56
C PRO B 172 -4.02 -4.14 16.23
N SER B 173 -3.74 -3.94 14.95
CA SER B 173 -2.39 -3.74 14.44
C SER B 173 -2.36 -2.47 13.59
N LEU B 174 -3.49 -2.21 12.88
CA LEU B 174 -3.68 -1.00 12.09
C LEU B 174 -5.12 -0.48 12.24
N PHE B 175 -5.29 0.85 12.18
CA PHE B 175 -6.56 1.56 12.31
C PHE B 175 -6.80 2.47 11.15
N VAL B 176 -8.09 2.71 10.84
CA VAL B 176 -8.47 3.66 9.79
C VAL B 176 -9.37 4.75 10.42
N ALA B 177 -8.84 5.99 10.53
CA ALA B 177 -9.55 7.18 11.01
C ALA B 177 -10.23 7.85 9.81
N PHE B 178 -11.51 8.23 9.95
CA PHE B 178 -12.30 8.82 8.86
C PHE B 178 -12.75 10.24 9.11
N TYR B 179 -12.68 10.68 10.37
CA TYR B 179 -13.24 11.96 10.75
C TYR B 179 -12.23 13.04 10.91
N ASP B 180 -12.73 14.29 10.83
CA ASP B 180 -11.93 15.49 11.00
C ASP B 180 -11.57 15.65 12.46
N TYR B 181 -10.29 16.00 12.70
CA TYR B 181 -9.70 16.26 14.02
C TYR B 181 -9.70 15.02 14.92
N GLN B 182 -9.63 13.82 14.27
CA GLN B 182 -9.58 12.51 14.91
C GLN B 182 -8.18 12.13 15.29
N ALA B 183 -7.19 12.87 14.79
CA ALA B 183 -5.79 12.59 15.00
C ALA B 183 -5.00 13.83 15.23
N TYR B 184 -4.04 13.80 16.15
CA TYR B 184 -3.17 14.94 16.36
C TYR B 184 -1.72 14.49 16.14
N PRO B 185 -1.02 15.08 15.12
CA PRO B 185 0.40 14.69 14.86
C PRO B 185 1.31 15.25 15.95
N GLU B 186 1.30 14.62 17.13
CA GLU B 186 2.05 15.15 18.26
C GLU B 186 3.58 15.12 18.12
N TYR B 187 4.14 14.02 17.57
CA TYR B 187 5.58 13.84 17.49
C TYR B 187 6.03 13.47 16.10
N LEU B 188 7.17 14.03 15.68
CA LEU B 188 7.79 13.68 14.42
C LEU B 188 9.08 12.96 14.74
N ILE B 189 9.20 11.70 14.33
CA ILE B 189 10.41 10.92 14.52
C ILE B 189 11.13 10.92 13.20
N THR B 190 12.36 11.44 13.17
CA THR B 190 13.27 11.41 12.03
C THR B 190 14.30 10.31 12.36
N PHE B 191 14.43 9.34 11.45
CA PHE B 191 15.34 8.23 11.69
C PHE B 191 15.94 7.72 10.38
N ARG B 192 16.99 6.89 10.47
CA ARG B 192 17.64 6.32 9.29
C ARG B 192 18.02 4.86 9.53
N LYS B 193 18.28 4.10 8.45
CA LYS B 193 18.67 2.68 8.51
C LYS B 193 20.12 2.53 8.99
#